data_7OLB
#
_entry.id   7OLB
#
_cell.length_a   35.570
_cell.length_b   35.920
_cell.length_c   46.490
_cell.angle_alpha   95.504
_cell.angle_beta   91.889
_cell.angle_gamma   108.410
#
_symmetry.space_group_name_H-M   'P 1'
#
loop_
_entity.id
_entity.type
_entity.pdbx_description
1 polymer 'N-glycosylase/DNA lyase'
2 non-polymer 1,2-ETHANEDIOL
3 non-polymer 'CITRIC ACID'
4 non-polymer 'CHLORIDE ION'
5 non-polymer 'SODIUM ION'
6 water water
#
_entity_poly.entity_id   1
_entity_poly.type   'polypeptide(L)'
_entity_poly.pdbx_seq_one_letter_code
;GSHMIARIIGEIGIEGARFIEENIDEQFKALRYLSKGIDSETFVKLVIANSLVSYQLTGKGEQWWWEFAKYFYGRDVKSI
YLAYKEFLPNSRFNRRLIPQKLSRIRRVETFLSTLTEERIEEYYGDMSSLWGSIARALGVDKESKTVVFSVKMFGYAARI
VLSTFNPYPMEIPIPEDSRIVKLTKKLTNEKPRKFWMKIARESGVPPLHIDSILWPLLGGASIDSAPPELRDKLAELIKI
IR
;
_entity_poly.pdbx_strand_id   A
#
loop_
_chem_comp.id
_chem_comp.type
_chem_comp.name
_chem_comp.formula
CIT non-polymer 'CITRIC ACID' 'C6 H8 O7'
CL non-polymer 'CHLORIDE ION' 'Cl -1'
EDO non-polymer 1,2-ETHANEDIOL 'C2 H6 O2'
NA non-polymer 'SODIUM ION' 'Na 1'
#
# COMPACT_ATOMS: atom_id res chain seq x y z
N GLY A 1 -10.73 21.15 -9.69
CA GLY A 1 -9.79 21.58 -10.78
C GLY A 1 -8.74 20.51 -11.05
N SER A 2 -9.10 19.56 -11.91
CA SER A 2 -8.19 18.44 -12.17
C SER A 2 -6.87 18.91 -12.78
N HIS A 3 -6.88 19.99 -13.56
CA HIS A 3 -5.64 20.49 -14.15
C HIS A 3 -4.70 21.03 -13.08
N MET A 4 -5.23 21.82 -12.14
CA MET A 4 -4.42 22.32 -11.05
CA MET A 4 -4.42 22.32 -11.05
C MET A 4 -3.89 21.17 -10.20
N ILE A 5 -4.73 20.18 -9.91
CA ILE A 5 -4.29 19.06 -9.10
C ILE A 5 -3.16 18.32 -9.81
N ALA A 6 -3.32 18.07 -11.11
CA ALA A 6 -2.28 17.38 -11.85
C ALA A 6 -0.99 18.17 -11.84
N ARG A 7 -1.06 19.50 -11.93
CA ARG A 7 0.14 20.31 -11.91
C ARG A 7 0.91 20.14 -10.60
N ILE A 8 0.19 20.22 -9.48
CA ILE A 8 0.85 20.11 -8.18
C ILE A 8 1.37 18.69 -7.96
N ILE A 9 0.56 17.69 -8.31
CA ILE A 9 1.03 16.31 -8.20
C ILE A 9 2.27 16.10 -9.06
N GLY A 10 2.29 16.67 -10.26
CA GLY A 10 3.46 16.52 -11.11
C GLY A 10 4.69 17.21 -10.54
N GLU A 11 4.50 18.37 -9.90
CA GLU A 11 5.60 19.05 -9.25
C GLU A 11 6.15 18.24 -8.10
N ILE A 12 5.27 17.61 -7.32
CA ILE A 12 5.71 16.71 -6.26
C ILE A 12 6.48 15.54 -6.85
N GLY A 13 5.92 14.93 -7.88
CA GLY A 13 6.63 13.94 -8.67
C GLY A 13 6.86 12.62 -7.94
N ILE A 14 7.61 11.74 -8.62
CA ILE A 14 8.00 10.46 -8.03
C ILE A 14 8.87 10.70 -6.81
N GLU A 15 9.79 11.67 -6.90
CA GLU A 15 10.69 11.92 -5.79
C GLU A 15 9.91 12.34 -4.56
N GLY A 16 8.90 13.19 -4.74
CA GLY A 16 8.10 13.63 -3.61
C GLY A 16 7.24 12.51 -3.05
N ALA A 17 6.63 11.70 -3.92
CA ALA A 17 5.89 10.54 -3.45
C ALA A 17 6.80 9.62 -2.66
N ARG A 18 8.02 9.39 -3.14
CA ARG A 18 8.95 8.53 -2.45
C ARG A 18 9.35 9.11 -1.09
N PHE A 19 9.59 10.42 -1.03
CA PHE A 19 9.92 11.01 0.26
C PHE A 19 8.79 10.78 1.26
N ILE A 20 7.54 11.00 0.83
CA ILE A 20 6.41 10.81 1.73
C ILE A 20 6.30 9.35 2.16
N GLU A 21 6.40 8.43 1.20
CA GLU A 21 6.37 7.01 1.51
CA GLU A 21 6.37 7.01 1.50
C GLU A 21 7.39 6.64 2.57
N GLU A 22 8.63 7.10 2.40
CA GLU A 22 9.75 6.62 3.20
C GLU A 22 9.96 7.38 4.49
N ASN A 23 9.28 8.52 4.68
CA ASN A 23 9.52 9.35 5.85
C ASN A 23 8.25 9.71 6.61
N ILE A 24 7.10 9.78 5.95
CA ILE A 24 5.88 10.27 6.57
C ILE A 24 4.85 9.16 6.76
N ASP A 25 4.75 8.25 5.81
CA ASP A 25 3.68 7.27 5.80
C ASP A 25 3.85 6.28 6.98
N GLU A 26 2.85 6.20 7.86
CA GLU A 26 2.99 5.35 9.03
C GLU A 26 2.94 3.88 8.69
N GLN A 27 2.29 3.52 7.58
CA GLN A 27 2.29 2.11 7.18
C GLN A 27 3.68 1.67 6.76
N PHE A 28 4.41 2.54 6.06
CA PHE A 28 5.80 2.25 5.73
C PHE A 28 6.65 2.15 6.99
N LYS A 29 6.45 3.07 7.93
CA LYS A 29 7.21 3.02 9.18
C LYS A 29 6.98 1.70 9.91
N ALA A 30 5.73 1.24 9.96
CA ALA A 30 5.42 -0.01 10.62
C ALA A 30 6.14 -1.17 9.92
N LEU A 31 6.12 -1.16 8.59
CA LEU A 31 6.84 -2.18 7.83
C LEU A 31 8.34 -2.16 8.11
N ARG A 32 8.94 -0.98 8.14
CA ARG A 32 10.37 -0.94 8.39
C ARG A 32 10.69 -1.54 9.76
N TYR A 33 9.84 -1.23 10.75
CA TYR A 33 10.02 -1.79 12.09
C TYR A 33 9.93 -3.32 12.06
N LEU A 34 8.89 -3.86 11.44
CA LEU A 34 8.77 -5.32 11.38
C LEU A 34 9.95 -5.95 10.68
N SER A 35 10.46 -5.31 9.63
CA SER A 35 11.55 -5.88 8.85
C SER A 35 12.78 -6.13 9.70
N LYS A 36 12.96 -5.40 10.80
CA LYS A 36 14.09 -5.60 11.69
C LYS A 36 13.88 -6.77 12.65
N GLY A 37 12.68 -7.32 12.71
CA GLY A 37 12.36 -8.37 13.64
C GLY A 37 11.93 -9.69 13.04
N ILE A 38 12.08 -9.87 11.73
CA ILE A 38 11.69 -11.12 11.08
C ILE A 38 12.42 -11.20 9.76
N ASP A 39 12.60 -12.42 9.25
CA ASP A 39 13.38 -12.59 8.02
C ASP A 39 12.65 -11.97 6.82
N SER A 40 13.44 -11.62 5.79
CA SER A 40 12.91 -10.81 4.70
CA SER A 40 12.92 -10.80 4.69
C SER A 40 11.81 -11.51 3.92
N GLU A 41 11.95 -12.82 3.66
CA GLU A 41 10.93 -13.51 2.88
C GLU A 41 9.63 -13.63 3.66
N THR A 42 9.71 -14.04 4.93
CA THR A 42 8.51 -14.10 5.75
C THR A 42 7.86 -12.74 5.87
N PHE A 43 8.67 -11.69 6.01
CA PHE A 43 8.19 -10.32 6.07
C PHE A 43 7.32 -9.99 4.86
N VAL A 44 7.83 -10.24 3.65
CA VAL A 44 7.06 -9.90 2.46
C VAL A 44 5.77 -10.71 2.40
N LYS A 45 5.84 -12.02 2.69
CA LYS A 45 4.65 -12.86 2.67
C LYS A 45 3.60 -12.32 3.63
N LEU A 46 4.05 -11.97 4.85
CA LEU A 46 3.13 -11.43 5.84
C LEU A 46 2.51 -10.12 5.38
N VAL A 47 3.28 -9.27 4.72
CA VAL A 47 2.73 -7.99 4.26
C VAL A 47 1.62 -8.23 3.24
N ILE A 48 1.82 -9.16 2.31
CA ILE A 48 0.78 -9.46 1.34
C ILE A 48 -0.46 -10.03 2.04
N ALA A 49 -0.26 -11.02 2.91
CA ALA A 49 -1.39 -11.61 3.62
C ALA A 49 -2.14 -10.54 4.41
N ASN A 50 -1.40 -9.69 5.11
CA ASN A 50 -2.04 -8.68 5.92
C ASN A 50 -2.85 -7.74 5.06
N SER A 51 -2.32 -7.36 3.90
CA SER A 51 -3.02 -6.46 3.01
C SER A 51 -4.35 -7.03 2.57
N LEU A 52 -4.37 -8.34 2.29
CA LEU A 52 -5.57 -8.99 1.76
C LEU A 52 -6.65 -9.15 2.80
N VAL A 53 -6.37 -8.88 4.07
CA VAL A 53 -7.38 -8.88 5.12
C VAL A 53 -7.60 -7.49 5.69
N SER A 54 -7.05 -6.47 5.03
CA SER A 54 -7.13 -5.08 5.50
C SER A 54 -8.37 -4.39 4.93
N TYR A 55 -9.53 -4.84 5.38
CA TYR A 55 -10.80 -4.21 5.03
C TYR A 55 -11.76 -4.47 6.17
N GLN A 56 -12.75 -3.59 6.30
CA GLN A 56 -13.73 -3.71 7.37
C GLN A 56 -13.02 -3.93 8.71
N LEU A 57 -12.09 -3.02 9.00
CA LEU A 57 -11.29 -3.05 10.20
C LEU A 57 -12.08 -2.54 11.40
N THR A 58 -11.56 -2.86 12.58
CA THR A 58 -12.05 -2.29 13.83
C THR A 58 -11.04 -1.25 14.33
N GLY A 59 -10.44 -0.52 13.40
CA GLY A 59 -9.55 0.60 13.71
C GLY A 59 -9.10 1.27 12.43
N LYS A 60 -8.31 2.32 12.57
CA LYS A 60 -7.77 2.99 11.39
C LYS A 60 -6.60 2.20 10.81
N GLY A 61 -6.33 2.45 9.53
CA GLY A 61 -5.25 1.71 8.88
C GLY A 61 -3.92 1.88 9.57
N GLU A 62 -3.60 3.09 10.03
CA GLU A 62 -2.31 3.30 10.68
C GLU A 62 -2.19 2.46 11.94
N GLN A 63 -3.26 2.42 12.74
CA GLN A 63 -3.23 1.64 13.98
C GLN A 63 -3.11 0.15 13.68
N TRP A 64 -3.86 -0.31 12.67
CA TRP A 64 -3.84 -1.71 12.29
C TRP A 64 -2.46 -2.16 11.82
N TRP A 65 -1.81 -1.39 10.95
CA TRP A 65 -0.50 -1.81 10.46
C TRP A 65 0.55 -1.80 11.57
N TRP A 66 0.47 -0.86 12.51
CA TRP A 66 1.36 -0.89 13.66
C TRP A 66 1.09 -2.10 14.55
N GLU A 67 -0.18 -2.46 14.73
CA GLU A 67 -0.50 -3.66 15.50
C GLU A 67 0.09 -4.90 14.86
N PHE A 68 -0.07 -5.03 13.55
CA PHE A 68 0.54 -6.10 12.76
C PHE A 68 2.05 -6.16 12.97
N ALA A 69 2.71 -5.01 12.83
CA ALA A 69 4.17 -5.00 12.93
C ALA A 69 4.63 -5.40 14.32
N LYS A 70 3.98 -4.85 15.35
CA LYS A 70 4.36 -5.20 16.72
C LYS A 70 4.06 -6.66 17.01
N TYR A 71 2.95 -7.18 16.50
CA TYR A 71 2.59 -8.56 16.78
C TYR A 71 3.62 -9.52 16.22
N PHE A 72 4.07 -9.29 14.99
CA PHE A 72 4.95 -10.25 14.34
C PHE A 72 6.43 -10.04 14.64
N TYR A 73 6.83 -8.91 15.20
CA TYR A 73 8.23 -8.68 15.50
C TYR A 73 8.75 -9.77 16.44
N GLY A 74 9.78 -10.50 16.00
CA GLY A 74 10.36 -11.56 16.79
C GLY A 74 9.64 -12.88 16.78
N ARG A 75 8.53 -13.01 16.07
CA ARG A 75 7.80 -14.27 16.06
C ARG A 75 8.41 -15.26 15.08
N ASP A 76 8.24 -16.53 15.42
CA ASP A 76 8.68 -17.65 14.57
C ASP A 76 7.44 -18.15 13.83
N VAL A 77 7.24 -17.68 12.60
CA VAL A 77 6.04 -17.98 11.84
C VAL A 77 6.30 -19.22 10.99
N LYS A 78 5.57 -20.28 11.28
CA LYS A 78 5.70 -21.54 10.56
C LYS A 78 4.59 -21.76 9.54
N SER A 79 3.42 -21.18 9.76
CA SER A 79 2.31 -21.20 8.83
C SER A 79 1.63 -19.85 8.89
N ILE A 80 1.54 -19.16 7.75
CA ILE A 80 0.90 -17.85 7.77
C ILE A 80 -0.59 -17.98 8.08
N TYR A 81 -1.24 -19.02 7.56
CA TYR A 81 -2.64 -19.25 7.90
C TYR A 81 -2.84 -19.43 9.40
N LEU A 82 -2.07 -20.34 10.00
CA LEU A 82 -2.23 -20.58 11.43
C LEU A 82 -1.87 -19.34 12.24
N ALA A 83 -0.87 -18.58 11.78
CA ALA A 83 -0.53 -17.35 12.49
C ALA A 83 -1.71 -16.39 12.51
N TYR A 84 -2.39 -16.24 11.38
CA TYR A 84 -3.54 -15.34 11.32
C TYR A 84 -4.75 -15.90 12.06
N LYS A 85 -4.91 -17.23 12.07
CA LYS A 85 -5.98 -17.83 12.85
C LYS A 85 -5.83 -17.49 14.33
N GLU A 86 -4.59 -17.39 14.81
CA GLU A 86 -4.33 -16.96 16.17
C GLU A 86 -4.42 -15.43 16.33
N PHE A 87 -3.87 -14.68 15.38
CA PHE A 87 -3.75 -13.23 15.51
C PHE A 87 -5.12 -12.53 15.45
N LEU A 88 -5.88 -12.77 14.38
CA LEU A 88 -7.05 -11.93 14.14
C LEU A 88 -8.04 -11.95 15.30
N PRO A 89 -8.44 -13.09 15.87
CA PRO A 89 -9.46 -13.05 16.94
C PRO A 89 -8.95 -12.45 18.24
N ASN A 90 -7.65 -12.28 18.39
CA ASN A 90 -7.07 -11.63 19.55
C ASN A 90 -6.71 -10.18 19.28
N SER A 91 -6.97 -9.68 18.08
CA SER A 91 -6.49 -8.37 17.69
C SER A 91 -7.43 -7.28 18.23
N ARG A 92 -6.87 -6.08 18.31
CA ARG A 92 -7.65 -4.90 18.59
C ARG A 92 -8.33 -4.38 17.33
N PHE A 93 -7.62 -4.38 16.20
CA PHE A 93 -8.06 -3.59 15.07
C PHE A 93 -8.55 -4.41 13.89
N ASN A 94 -8.65 -5.74 14.00
CA ASN A 94 -9.20 -6.52 12.90
C ASN A 94 -9.96 -7.74 13.40
N ARG A 95 -11.07 -7.48 14.10
CA ARG A 95 -11.85 -8.51 14.75
C ARG A 95 -13.04 -9.02 13.93
N ARG A 96 -13.46 -8.29 12.90
CA ARG A 96 -14.67 -8.62 12.15
C ARG A 96 -14.35 -9.39 10.87
N LEU A 97 -15.33 -10.19 10.44
CA LEU A 97 -15.26 -10.93 9.18
C LEU A 97 -14.06 -11.87 9.16
N ILE A 98 -13.72 -12.44 10.31
CA ILE A 98 -12.56 -13.33 10.37
C ILE A 98 -12.70 -14.54 9.47
N PRO A 99 -13.83 -15.25 9.42
CA PRO A 99 -13.88 -16.43 8.53
C PRO A 99 -13.57 -16.09 7.08
N GLN A 100 -14.12 -15.00 6.55
CA GLN A 100 -13.84 -14.61 5.17
C GLN A 100 -12.37 -14.26 5.01
N LYS A 101 -11.82 -13.54 5.99
CA LYS A 101 -10.43 -13.13 5.92
C LYS A 101 -9.49 -14.33 5.97
N LEU A 102 -9.75 -15.29 6.85
CA LEU A 102 -8.91 -16.49 6.89
C LEU A 102 -9.03 -17.29 5.59
N SER A 103 -10.20 -17.32 4.98
CA SER A 103 -10.33 -18.05 3.72
C SER A 103 -9.49 -17.43 2.62
N ARG A 104 -9.32 -16.10 2.64
CA ARG A 104 -8.46 -15.43 1.67
C ARG A 104 -7.02 -15.82 1.88
N ILE A 105 -6.58 -15.86 3.14
CA ILE A 105 -5.21 -16.25 3.41
C ILE A 105 -4.98 -17.70 2.98
N ARG A 106 -5.93 -18.59 3.29
CA ARG A 106 -5.81 -19.97 2.85
C ARG A 106 -5.62 -20.08 1.34
N ARG A 107 -6.38 -19.29 0.57
CA ARG A 107 -6.31 -19.34 -0.89
C ARG A 107 -4.96 -18.89 -1.43
N VAL A 108 -4.25 -18.01 -0.72
CA VAL A 108 -2.98 -17.50 -1.23
C VAL A 108 -1.77 -18.23 -0.65
N GLU A 109 -1.97 -19.23 0.21
CA GLU A 109 -0.83 -19.87 0.85
C GLU A 109 0.15 -20.43 -0.16
N THR A 110 -0.34 -21.11 -1.19
CA THR A 110 0.58 -21.69 -2.16
C THR A 110 1.36 -20.60 -2.89
N PHE A 111 0.68 -19.55 -3.30
CA PHE A 111 1.36 -18.41 -3.92
C PHE A 111 2.42 -17.84 -2.98
N LEU A 112 2.07 -17.64 -1.72
CA LEU A 112 3.06 -17.05 -0.82
C LEU A 112 4.30 -17.93 -0.72
N SER A 113 4.13 -19.25 -0.78
CA SER A 113 5.26 -20.16 -0.67
C SER A 113 6.23 -20.01 -1.82
N THR A 114 5.82 -19.41 -2.95
CA THR A 114 6.74 -19.19 -4.06
C THR A 114 7.65 -17.99 -3.86
N LEU A 115 7.43 -17.20 -2.81
CA LEU A 115 8.13 -15.92 -2.65
C LEU A 115 9.49 -16.12 -1.97
N THR A 116 10.40 -16.71 -2.74
CA THR A 116 11.81 -16.67 -2.41
C THR A 116 12.34 -15.25 -2.64
N GLU A 117 13.57 -15.00 -2.18
CA GLU A 117 14.17 -13.68 -2.39
CA GLU A 117 14.17 -13.68 -2.39
C GLU A 117 14.18 -13.32 -3.87
N GLU A 118 14.59 -14.27 -4.72
CA GLU A 118 14.67 -13.97 -6.14
C GLU A 118 13.29 -13.73 -6.73
N ARG A 119 12.30 -14.52 -6.33
CA ARG A 119 10.96 -14.33 -6.89
C ARG A 119 10.42 -12.96 -6.47
N ILE A 120 10.71 -12.55 -5.24
CA ILE A 120 10.34 -11.20 -4.78
C ILE A 120 11.00 -10.14 -5.66
N GLU A 121 12.30 -10.30 -5.95
CA GLU A 121 12.97 -9.37 -6.84
C GLU A 121 12.31 -9.32 -8.20
N GLU A 122 11.97 -10.49 -8.74
CA GLU A 122 11.34 -10.52 -10.06
C GLU A 122 9.99 -9.82 -10.04
N TYR A 123 9.19 -10.06 -9.01
CA TYR A 123 7.90 -9.39 -8.94
C TYR A 123 8.05 -7.89 -8.73
N TYR A 124 9.06 -7.45 -7.98
CA TYR A 124 9.24 -6.01 -7.82
C TYR A 124 9.60 -5.34 -9.14
N GLY A 125 10.31 -6.06 -10.02
CA GLY A 125 10.57 -5.57 -11.36
C GLY A 125 9.42 -5.71 -12.34
N ASP A 126 8.35 -6.41 -11.98
CA ASP A 126 7.18 -6.59 -12.85
C ASP A 126 5.95 -6.69 -11.95
N MET A 127 5.59 -5.56 -11.35
CA MET A 127 4.46 -5.57 -10.42
C MET A 127 3.14 -5.83 -11.13
N SER A 128 3.06 -5.59 -12.43
CA SER A 128 1.85 -5.99 -13.15
C SER A 128 1.69 -7.50 -13.16
N SER A 129 2.80 -8.25 -13.18
CA SER A 129 2.71 -9.71 -13.06
CA SER A 129 2.69 -9.70 -13.07
C SER A 129 2.27 -10.10 -11.65
N LEU A 130 2.84 -9.45 -10.64
CA LEU A 130 2.44 -9.73 -9.27
C LEU A 130 0.94 -9.52 -9.08
N TRP A 131 0.41 -8.43 -9.62
CA TRP A 131 -1.00 -8.10 -9.48
C TRP A 131 -1.87 -9.27 -9.90
N GLY A 132 -1.59 -9.83 -11.08
CA GLY A 132 -2.34 -10.98 -11.54
C GLY A 132 -2.10 -12.25 -10.74
N SER A 133 -0.86 -12.49 -10.30
CA SER A 133 -0.62 -13.69 -9.50
C SER A 133 -1.46 -13.66 -8.23
N ILE A 134 -1.56 -12.51 -7.58
CA ILE A 134 -2.35 -12.39 -6.36
C ILE A 134 -3.83 -12.55 -6.67
N ALA A 135 -4.32 -11.84 -7.67
CA ALA A 135 -5.74 -11.90 -7.96
C ALA A 135 -6.15 -13.31 -8.35
N ARG A 136 -5.31 -13.99 -9.14
CA ARG A 136 -5.67 -15.34 -9.60
CA ARG A 136 -5.65 -15.34 -9.61
C ARG A 136 -5.55 -16.37 -8.49
N ALA A 137 -4.64 -16.16 -7.54
CA ALA A 137 -4.57 -17.05 -6.39
C ALA A 137 -5.84 -16.94 -5.55
N LEU A 138 -6.34 -15.72 -5.36
CA LEU A 138 -7.60 -15.53 -4.67
C LEU A 138 -8.79 -15.94 -5.51
N GLY A 139 -8.65 -15.87 -6.83
CA GLY A 139 -9.76 -16.10 -7.72
C GLY A 139 -10.76 -14.97 -7.71
N VAL A 140 -10.29 -13.72 -7.70
CA VAL A 140 -11.13 -12.53 -7.64
C VAL A 140 -10.66 -11.54 -8.71
N ASP A 141 -11.50 -10.54 -8.95
CA ASP A 141 -11.14 -9.49 -9.89
C ASP A 141 -9.93 -8.71 -9.40
N LYS A 142 -9.02 -8.41 -10.33
CA LYS A 142 -7.84 -7.60 -10.05
C LYS A 142 -8.19 -6.29 -9.35
N GLU A 143 -9.40 -5.75 -9.54
CA GLU A 143 -9.75 -4.45 -8.98
C GLU A 143 -10.62 -4.55 -7.72
N SER A 144 -10.88 -5.74 -7.21
CA SER A 144 -11.69 -5.88 -6.00
C SER A 144 -10.93 -5.39 -4.77
N LYS A 145 -11.69 -5.11 -3.73
CA LYS A 145 -11.16 -4.44 -2.54
C LYS A 145 -9.99 -5.22 -1.95
N THR A 146 -8.86 -4.52 -1.72
CA THR A 146 -7.58 -4.97 -1.14
C THR A 146 -6.58 -5.48 -2.15
N VAL A 147 -6.96 -5.84 -3.37
CA VAL A 147 -5.99 -6.44 -4.28
C VAL A 147 -4.97 -5.43 -4.72
N VAL A 148 -5.41 -4.28 -5.19
CA VAL A 148 -4.47 -3.22 -5.56
CA VAL A 148 -4.42 -3.27 -5.57
C VAL A 148 -3.66 -2.78 -4.35
N PHE A 149 -4.31 -2.70 -3.18
CA PHE A 149 -3.60 -2.33 -1.95
C PHE A 149 -2.46 -3.30 -1.65
N SER A 150 -2.68 -4.59 -1.89
CA SER A 150 -1.62 -5.56 -1.63
C SER A 150 -0.42 -5.34 -2.54
N VAL A 151 -0.63 -4.90 -3.78
CA VAL A 151 0.51 -4.55 -4.64
C VAL A 151 1.22 -3.32 -4.09
N LYS A 152 0.46 -2.31 -3.68
CA LYS A 152 1.08 -1.14 -3.06
C LYS A 152 1.95 -1.55 -1.88
N MET A 153 1.38 -2.34 -0.96
CA MET A 153 2.14 -2.71 0.23
C MET A 153 3.32 -3.62 -0.10
N PHE A 154 3.16 -4.51 -1.07
CA PHE A 154 4.31 -5.27 -1.56
C PHE A 154 5.43 -4.33 -1.98
N GLY A 155 5.10 -3.26 -2.71
CA GLY A 155 6.14 -2.35 -3.17
C GLY A 155 6.86 -1.66 -2.03
N TYR A 156 6.15 -1.38 -0.93
CA TYR A 156 6.82 -0.87 0.27
C TYR A 156 7.77 -1.94 0.84
N ALA A 157 7.27 -3.16 1.01
CA ALA A 157 8.05 -4.22 1.63
C ALA A 157 9.27 -4.57 0.79
N ALA A 158 9.09 -4.66 -0.52
CA ALA A 158 10.19 -5.00 -1.40
C ALA A 158 11.26 -3.92 -1.40
N ARG A 159 10.84 -2.64 -1.42
CA ARG A 159 11.79 -1.55 -1.30
CA ARG A 159 11.80 -1.56 -1.31
C ARG A 159 12.65 -1.72 -0.06
N ILE A 160 12.03 -2.08 1.06
CA ILE A 160 12.73 -2.23 2.32
C ILE A 160 13.73 -3.40 2.26
N VAL A 161 13.29 -4.55 1.74
CA VAL A 161 14.20 -5.69 1.82
CA VAL A 161 14.10 -5.78 1.71
C VAL A 161 15.23 -5.68 0.69
N LEU A 162 14.96 -5.06 -0.45
CA LEU A 162 15.89 -5.08 -1.57
C LEU A 162 16.75 -3.84 -1.64
N SER A 163 16.41 -2.80 -0.88
CA SER A 163 17.13 -1.54 -0.80
C SER A 163 17.09 -0.75 -2.10
N THR A 164 16.19 -1.11 -3.01
CA THR A 164 16.05 -0.48 -4.31
CA THR A 164 16.06 -0.43 -4.28
C THR A 164 14.61 0.00 -4.46
N PHE A 165 14.42 0.98 -5.33
CA PHE A 165 13.10 1.57 -5.56
C PHE A 165 12.70 1.41 -7.01
N ASN A 166 11.55 0.78 -7.24
CA ASN A 166 10.96 0.62 -8.57
CA ASN A 166 10.98 0.65 -8.57
C ASN A 166 9.61 1.30 -8.55
N PRO A 167 9.37 2.32 -9.36
CA PRO A 167 8.05 2.95 -9.34
C PRO A 167 6.95 1.97 -9.72
N TYR A 168 5.77 2.22 -9.17
CA TYR A 168 4.59 1.43 -9.50
C TYR A 168 4.20 1.65 -10.95
N PRO A 169 3.62 0.63 -11.59
CA PRO A 169 3.12 0.82 -12.96
C PRO A 169 2.00 1.83 -13.02
N MET A 170 1.94 2.55 -14.15
CA MET A 170 0.89 3.53 -14.38
C MET A 170 -0.50 2.89 -14.40
N GLU A 171 -0.58 1.62 -14.81
CA GLU A 171 -1.87 1.01 -15.11
C GLU A 171 -2.59 0.48 -13.88
N ILE A 172 -1.92 0.42 -12.73
CA ILE A 172 -2.57 -0.06 -11.52
C ILE A 172 -3.32 1.13 -10.92
N PRO A 173 -4.62 1.02 -10.71
CA PRO A 173 -5.40 2.18 -10.26
C PRO A 173 -5.21 2.42 -8.77
N ILE A 174 -5.80 3.51 -8.32
CA ILE A 174 -5.72 3.85 -6.90
CA ILE A 174 -5.73 3.86 -6.90
C ILE A 174 -6.52 2.81 -6.11
N PRO A 175 -6.31 2.69 -4.82
CA PRO A 175 -7.28 1.97 -3.97
C PRO A 175 -8.45 2.90 -3.63
N GLU A 176 -9.67 2.36 -3.67
CA GLU A 176 -10.90 3.15 -3.46
C GLU A 176 -11.45 2.97 -2.05
N ASP A 177 -10.66 3.38 -1.07
CA ASP A 177 -11.06 3.29 0.32
C ASP A 177 -11.84 4.53 0.75
N SER A 178 -12.21 4.58 2.03
CA SER A 178 -13.05 5.68 2.50
C SER A 178 -12.36 7.02 2.32
N ARG A 179 -11.08 7.11 2.69
CA ARG A 179 -10.36 8.37 2.59
C ARG A 179 -10.33 8.90 1.18
N ILE A 180 -9.99 8.05 0.21
CA ILE A 180 -9.92 8.51 -1.17
C ILE A 180 -11.29 8.81 -1.71
N VAL A 181 -12.29 7.96 -1.42
CA VAL A 181 -13.62 8.21 -1.97
C VAL A 181 -14.19 9.51 -1.42
N LYS A 182 -14.05 9.71 -0.10
CA LYS A 182 -14.53 10.93 0.54
C LYS A 182 -13.84 12.16 -0.03
N LEU A 183 -12.50 12.12 -0.19
CA LEU A 183 -11.81 13.24 -0.81
C LEU A 183 -12.36 13.46 -2.20
N THR A 184 -12.46 12.39 -2.99
CA THR A 184 -12.85 12.55 -4.38
C THR A 184 -14.23 13.19 -4.51
N LYS A 185 -15.17 12.82 -3.64
CA LYS A 185 -16.50 13.42 -3.69
C LYS A 185 -16.46 14.93 -3.45
N LYS A 186 -15.49 15.41 -2.68
CA LYS A 186 -15.35 16.85 -2.48
C LYS A 186 -14.81 17.55 -3.70
N LEU A 187 -14.12 16.82 -4.57
CA LEU A 187 -13.45 17.40 -5.72
C LEU A 187 -14.24 17.29 -7.01
N THR A 188 -15.09 16.27 -7.14
CA THR A 188 -15.68 15.92 -8.43
C THR A 188 -16.84 14.97 -8.20
N ASN A 189 -17.71 14.87 -9.21
CA ASN A 189 -18.74 13.85 -9.25
C ASN A 189 -18.29 12.58 -9.97
N GLU A 190 -17.09 12.58 -10.54
CA GLU A 190 -16.59 11.39 -11.23
C GLU A 190 -16.25 10.29 -10.23
N LYS A 191 -16.30 9.05 -10.71
CA LYS A 191 -15.83 7.93 -9.90
C LYS A 191 -14.34 8.08 -9.61
N PRO A 192 -13.89 7.66 -8.42
CA PRO A 192 -12.52 7.98 -8.01
C PRO A 192 -11.44 7.38 -8.90
N ARG A 193 -11.57 6.13 -9.31
CA ARG A 193 -10.48 5.57 -10.11
C ARG A 193 -10.35 6.29 -11.45
N LYS A 194 -11.46 6.68 -12.06
CA LYS A 194 -11.40 7.39 -13.34
C LYS A 194 -10.81 8.80 -13.16
N PHE A 195 -11.24 9.51 -12.13
CA PHE A 195 -10.71 10.84 -11.87
C PHE A 195 -9.20 10.80 -11.65
N TRP A 196 -8.75 9.87 -10.80
CA TRP A 196 -7.34 9.83 -10.46
C TRP A 196 -6.49 9.25 -11.58
N MET A 197 -7.05 8.39 -12.42
CA MET A 197 -6.27 7.94 -13.57
C MET A 197 -6.00 9.09 -14.53
N LYS A 198 -6.98 9.98 -14.73
CA LYS A 198 -6.74 11.14 -15.57
C LYS A 198 -5.63 12.00 -14.98
N ILE A 199 -5.68 12.23 -13.67
CA ILE A 199 -4.65 13.00 -12.99
CA ILE A 199 -4.64 13.03 -13.06
C ILE A 199 -3.28 12.34 -13.15
N ALA A 200 -3.25 11.01 -13.01
CA ALA A 200 -2.01 10.26 -13.15
C ALA A 200 -1.44 10.42 -14.54
N ARG A 201 -2.28 10.32 -15.56
CA ARG A 201 -1.79 10.44 -16.92
C ARG A 201 -1.32 11.85 -17.22
N GLU A 202 -2.03 12.86 -16.71
CA GLU A 202 -1.67 14.25 -16.96
C GLU A 202 -0.36 14.61 -16.28
N SER A 203 -0.16 14.08 -15.07
CA SER A 203 1.01 14.40 -14.27
C SER A 203 2.18 13.46 -14.53
N GLY A 204 1.93 12.28 -15.07
CA GLY A 204 2.94 11.25 -15.14
C GLY A 204 3.24 10.57 -13.82
N VAL A 205 2.44 10.76 -12.79
CA VAL A 205 2.66 10.11 -11.51
C VAL A 205 1.69 8.94 -11.39
N PRO A 206 2.18 7.71 -11.28
CA PRO A 206 1.29 6.55 -11.26
C PRO A 206 0.28 6.66 -10.13
N PRO A 207 -0.92 6.10 -10.33
CA PRO A 207 -1.97 6.18 -9.29
C PRO A 207 -1.55 5.71 -7.92
N LEU A 208 -0.77 4.63 -7.80
CA LEU A 208 -0.38 4.17 -6.47
C LEU A 208 0.54 5.16 -5.80
N HIS A 209 1.36 5.88 -6.57
CA HIS A 209 2.15 6.96 -5.98
C HIS A 209 1.29 8.15 -5.61
N ILE A 210 0.27 8.47 -6.40
CA ILE A 210 -0.67 9.51 -5.98
C ILE A 210 -1.32 9.11 -4.65
N ASP A 211 -1.74 7.84 -4.54
CA ASP A 211 -2.33 7.38 -3.29
C ASP A 211 -1.38 7.57 -2.13
N SER A 212 -0.09 7.32 -2.34
CA SER A 212 0.89 7.47 -1.28
C SER A 212 1.06 8.92 -0.88
N ILE A 213 0.97 9.83 -1.85
CA ILE A 213 0.99 11.25 -1.52
C ILE A 213 -0.23 11.60 -0.67
N LEU A 214 -1.41 11.16 -1.10
CA LEU A 214 -2.68 11.61 -0.51
C LEU A 214 -2.97 10.99 0.85
N TRP A 215 -2.79 9.66 0.96
CA TRP A 215 -3.36 8.93 2.10
C TRP A 215 -2.82 9.43 3.42
N PRO A 216 -1.51 9.63 3.61
CA PRO A 216 -1.04 10.11 4.92
C PRO A 216 -1.52 11.52 5.21
N LEU A 217 -1.51 12.39 4.19
CA LEU A 217 -1.95 13.75 4.37
C LEU A 217 -3.43 13.80 4.75
N LEU A 218 -4.25 12.94 4.15
CA LEU A 218 -5.66 12.89 4.50
C LEU A 218 -5.87 12.39 5.93
N GLY A 219 -4.94 11.60 6.46
CA GLY A 219 -4.97 11.19 7.85
C GLY A 219 -4.45 12.21 8.81
N GLY A 220 -4.11 13.40 8.32
CA GLY A 220 -3.60 14.47 9.16
C GLY A 220 -2.12 14.43 9.44
N ALA A 221 -1.35 13.69 8.65
CA ALA A 221 0.09 13.66 8.84
C ALA A 221 0.68 15.05 8.57
N SER A 222 1.71 15.40 9.33
CA SER A 222 2.38 16.68 9.17
C SER A 222 3.28 16.66 7.94
N ILE A 223 3.46 17.83 7.33
CA ILE A 223 4.37 17.99 6.20
C ILE A 223 5.69 18.67 6.59
N ASP A 224 5.86 19.04 7.86
CA ASP A 224 7.06 19.74 8.27
C ASP A 224 8.32 18.88 8.22
N SER A 225 8.19 17.56 8.08
CA SER A 225 9.39 16.75 7.91
C SER A 225 9.90 16.78 6.47
N ALA A 226 9.17 17.38 5.55
CA ALA A 226 9.66 17.41 4.19
C ALA A 226 10.71 18.50 4.03
N PRO A 227 11.65 18.33 3.10
CA PRO A 227 12.61 19.41 2.83
C PRO A 227 11.91 20.63 2.27
N PRO A 228 12.52 21.81 2.36
CA PRO A 228 11.78 23.06 2.12
C PRO A 228 11.03 23.15 0.79
N GLU A 229 11.67 22.82 -0.34
CA GLU A 229 10.99 22.94 -1.62
C GLU A 229 9.80 21.98 -1.72
N LEU A 230 9.97 20.75 -1.22
CA LEU A 230 8.84 19.83 -1.23
C LEU A 230 7.75 20.28 -0.26
N ARG A 231 8.14 20.77 0.91
CA ARG A 231 7.15 21.24 1.87
C ARG A 231 6.23 22.29 1.27
N ASP A 232 6.78 23.19 0.46
CA ASP A 232 5.96 24.22 -0.16
C ASP A 232 4.96 23.63 -1.14
N LYS A 233 5.38 22.60 -1.90
CA LYS A 233 4.46 21.93 -2.81
C LYS A 233 3.35 21.22 -2.04
N LEU A 234 3.72 20.57 -0.94
CA LEU A 234 2.73 19.86 -0.13
C LEU A 234 1.75 20.84 0.49
N ALA A 235 2.23 22.02 0.89
CA ALA A 235 1.32 23.03 1.40
C ALA A 235 0.29 23.42 0.36
N GLU A 236 0.71 23.55 -0.90
CA GLU A 236 -0.26 23.85 -1.96
C GLU A 236 -1.27 22.73 -2.10
N LEU A 237 -0.82 21.47 -2.02
CA LEU A 237 -1.73 20.34 -2.16
C LEU A 237 -2.71 20.31 -1.01
N ILE A 238 -2.24 20.61 0.21
CA ILE A 238 -3.12 20.57 1.38
C ILE A 238 -4.28 21.56 1.24
N LYS A 239 -4.05 22.70 0.55
CA LYS A 239 -5.15 23.63 0.33
C LYS A 239 -6.27 23.00 -0.48
N ILE A 240 -5.92 22.04 -1.34
CA ILE A 240 -6.88 21.41 -2.22
C ILE A 240 -7.56 20.23 -1.55
N ILE A 241 -6.84 19.49 -0.71
CA ILE A 241 -7.33 18.19 -0.25
C ILE A 241 -7.79 18.20 1.21
N ARG A 242 -7.53 19.28 1.94
CA ARG A 242 -7.97 19.41 3.32
C ARG A 242 -8.75 20.71 3.43
C1 EDO B . -4.80 2.71 1.44
O1 EDO B . -4.00 2.68 0.25
C2 EDO B . -3.87 2.77 2.64
O2 EDO B . -2.72 3.51 2.23
H11 EDO B . -5.43 1.82 1.49
H12 EDO B . -5.45 3.59 1.42
HO1 EDO B . -4.57 2.77 -0.52
H21 EDO B . -3.59 1.76 2.96
H22 EDO B . -4.36 3.26 3.48
HO2 EDO B . -2.07 3.53 2.96
C1 EDO C . 6.65 0.74 -14.46
O1 EDO C . 6.05 -0.14 -15.41
C2 EDO C . 7.53 1.77 -15.17
O2 EDO C . 6.78 2.46 -16.17
H11 EDO C . 5.87 1.25 -13.90
H12 EDO C . 7.26 0.17 -13.76
HO1 EDO C . 5.53 -0.81 -14.95
H21 EDO C . 7.91 2.49 -14.43
H22 EDO C . 8.40 1.28 -15.62
HO2 EDO C . 7.35 3.08 -16.63
C1 EDO D . 3.09 3.44 16.92
O1 EDO D . 1.98 2.57 17.14
C2 EDO D . 4.37 2.75 17.38
O2 EDO D . 4.22 2.35 18.74
H11 EDO D . 2.95 4.36 17.49
H12 EDO D . 3.17 3.70 15.87
HO1 EDO D . 1.18 2.99 16.82
H21 EDO D . 5.23 3.43 17.29
H22 EDO D . 4.57 1.88 16.75
HO2 EDO D . 5.00 1.86 19.02
C1 EDO E . 7.31 1.84 -5.04
O1 EDO E . 7.73 0.56 -5.37
C2 EDO E . 6.97 1.82 -3.56
O2 EDO E . 8.09 1.41 -2.80
H11 EDO E . 6.43 2.12 -5.63
H12 EDO E . 8.10 2.57 -5.25
HO1 EDO E . 8.02 0.53 -6.30
H21 EDO E . 6.13 1.13 -3.38
H22 EDO E . 6.65 2.81 -3.23
HO2 EDO E . 7.82 0.75 -2.16
C1 EDO F . -1.69 -9.83 20.82
O1 EDO F . -3.12 -9.70 20.63
C2 EDO F . -1.37 -11.11 21.57
O2 EDO F . -2.16 -12.18 21.06
H11 EDO F . -1.20 -9.83 19.84
H12 EDO F . -1.33 -8.96 21.38
HO1 EDO F . -3.30 -8.92 20.09
H21 EDO F . -0.31 -11.35 21.45
H22 EDO F . -1.56 -10.97 22.63
HO2 EDO F . -1.99 -12.98 21.58
C1 EDO G . -9.17 -6.58 21.62
O1 EDO G . -10.29 -6.47 20.76
C2 EDO G . -9.07 -5.35 22.49
O2 EDO G . -7.75 -5.32 23.01
H11 EDO G . -8.26 -6.69 21.03
H12 EDO G . -9.27 -7.47 22.25
HO1 EDO G . -10.14 -7.02 19.97
H21 EDO G . -9.81 -5.39 23.30
H22 EDO G . -9.28 -4.45 21.91
HO2 EDO G . -7.64 -4.52 23.54
C1 EDO H . -2.17 -19.86 -8.54
O1 EDO H . -3.45 -19.30 -8.82
C2 EDO H . -1.79 -19.51 -7.12
O2 EDO H . -1.77 -20.70 -6.31
H11 EDO H . -1.43 -19.46 -9.24
H12 EDO H . -2.19 -20.95 -8.67
HO1 EDO H . -3.70 -19.49 -9.74
H21 EDO H . -2.49 -18.80 -6.71
H22 EDO H . -0.79 -19.05 -7.10
HO2 EDO H . -1.56 -20.46 -5.39
C1 CIT I . -5.65 -0.09 5.43
O1 CIT I . -5.11 1.01 5.06
O2 CIT I . -4.99 -0.94 6.04
C2 CIT I . -7.14 -0.38 5.22
C3 CIT I . -7.75 -0.20 3.83
O7 CIT I . -9.03 -0.89 3.73
C4 CIT I . -6.74 -0.71 2.80
C5 CIT I . -7.32 -0.82 1.41
O3 CIT I . -7.48 0.20 0.74
O4 CIT I . -7.61 -1.91 0.91
C6 CIT I . -8.08 1.26 3.62
O5 CIT I . -9.24 1.61 3.33
O6 CIT I . -7.21 2.11 3.79
H21 CIT I . -7.70 0.26 5.90
H22 CIT I . -7.31 -1.41 5.52
HO7 CIT I . -9.75 -0.23 3.64
H41 CIT I . -6.38 -1.70 3.11
H42 CIT I . -5.88 -0.04 2.78
CL CL J . -7.04 -11.68 -13.60
NA NA K . 13.43 -8.41 6.92
NA NA L . -7.73 -1.73 -2.64
#